data_4LW6
#
_entry.id   4LW6
#
_cell.length_a   81.943
_cell.length_b   81.943
_cell.length_c   133.053
_cell.angle_alpha   90.00
_cell.angle_beta   90.00
_cell.angle_gamma   90.00
#
_symmetry.space_group_name_H-M   'P 43 21 2'
#
loop_
_entity.id
_entity.type
_entity.pdbx_description
1 polymer 'Beta-4-galactosyltransferase 7'
2 branched beta-D-xylopyranose-(1-4)-beta-D-xylopyranose
3 non-polymer 'MANGANESE (II) ION'
4 non-polymer "URIDINE-5'-DIPHOSPHATE"
5 non-polymer 2-AMINO-1,3-PROPANEDIOL
6 water water
#
_entity_poly.entity_id   1
_entity_poly.type   'polypeptide(L)'
_entity_poly.pdbx_seq_one_letter_code
;ASMTGGQQMGRGSGPMLIEFNIPVDLKLVEQQNPKVKLGGRYTPMDGASVHKMALLVPFRDRFEELLQFVPHMTAFLKRQ
GVAHHIFVLNQVDRFRFNRASLINVGFQFASDVYDYIAMHDVDLLPLNDNLLYEYPSSLGPLHIAGPKLHPKYHYDNFVG
GILLVRREHFKQMNGMSNQYWGWGLEDDEFFVRIRDAGLQVTRPQNIKTGTNDTFSHIHNRYHRKRDTQKCFNQKEMTRK
RDHKTGLDNVKYKILKVHEMLIDQVPVTILNILLDCDVNKTPWCDCS
;
_entity_poly.pdbx_strand_id   A
#
loop_
_chem_comp.id
_chem_comp.type
_chem_comp.name
_chem_comp.formula
MN non-polymer 'MANGANESE (II) ION' 'Mn 2'
UDP RNA linking URIDINE-5'-DIPHOSPHATE 'C9 H14 N2 O12 P2'
XYP D-saccharide, beta linking beta-D-xylopyranose 'C5 H10 O5'
#
# COMPACT_ATOMS: atom_id res chain seq x y z
N VAL A 50 -14.92 8.61 -17.20
CA VAL A 50 -14.87 7.71 -16.05
C VAL A 50 -13.52 7.76 -15.26
N HIS A 51 -13.54 7.27 -14.01
CA HIS A 51 -12.36 7.21 -13.12
C HIS A 51 -11.37 6.06 -13.43
N LYS A 52 -10.09 6.25 -13.08
CA LYS A 52 -9.04 5.22 -13.23
C LYS A 52 -8.21 4.98 -11.94
N MET A 53 -8.09 3.71 -11.52
CA MET A 53 -7.36 3.38 -10.29
C MET A 53 -5.89 2.97 -10.55
N ALA A 54 -4.95 3.58 -9.85
CA ALA A 54 -3.57 3.07 -9.91
C ALA A 54 -3.43 2.11 -8.75
N LEU A 55 -3.20 0.86 -9.10
CA LEU A 55 -3.15 -0.21 -8.15
C LEU A 55 -1.65 -0.32 -7.76
N LEU A 56 -1.29 0.22 -6.61
CA LEU A 56 0.12 0.31 -6.24
C LEU A 56 0.47 -0.88 -5.34
N VAL A 57 1.41 -1.72 -5.78
CA VAL A 57 1.73 -2.95 -5.06
C VAL A 57 3.17 -2.96 -4.60
N PRO A 58 3.43 -2.54 -3.36
CA PRO A 58 4.81 -2.59 -2.83
C PRO A 58 5.28 -4.01 -2.89
N PHE A 59 6.51 -4.21 -3.33
CA PHE A 59 6.94 -5.52 -3.70
C PHE A 59 8.42 -5.75 -3.48
N ARG A 60 8.75 -6.88 -2.86
CA ARG A 60 10.09 -7.45 -2.96
C ARG A 60 10.02 -8.95 -2.63
N ASP A 61 10.55 -9.77 -3.55
CA ASP A 61 10.66 -11.23 -3.36
C ASP A 61 9.30 -11.88 -3.15
N ARG A 62 8.33 -11.58 -4.02
CA ARG A 62 6.98 -12.15 -3.89
C ARG A 62 6.45 -12.56 -5.25
N PHE A 63 7.35 -13.06 -6.10
CA PHE A 63 6.99 -13.43 -7.45
C PHE A 63 5.83 -14.45 -7.45
N GLU A 64 5.92 -15.44 -6.57
CA GLU A 64 4.89 -16.45 -6.47
C GLU A 64 3.52 -15.81 -6.17
N GLU A 65 3.49 -14.87 -5.22
CA GLU A 65 2.28 -14.15 -4.87
C GLU A 65 1.79 -13.33 -6.05
N LEU A 66 2.72 -12.61 -6.67
CA LEU A 66 2.37 -11.75 -7.79
C LEU A 66 1.69 -12.49 -8.96
N LEU A 67 2.14 -13.72 -9.25
CA LEU A 67 1.51 -14.57 -10.28
C LEU A 67 0.08 -14.95 -9.94
N GLN A 68 -0.21 -15.04 -8.64
CA GLN A 68 -1.59 -15.26 -8.23
C GLN A 68 -2.39 -13.95 -8.18
N PHE A 69 -1.72 -12.88 -7.75
CA PHE A 69 -2.35 -11.57 -7.56
C PHE A 69 -2.92 -11.02 -8.89
N VAL A 70 -2.07 -10.97 -9.93
CA VAL A 70 -2.42 -10.30 -11.19
C VAL A 70 -3.68 -10.86 -11.84
N PRO A 71 -3.75 -12.19 -12.04
CA PRO A 71 -4.99 -12.67 -12.68
C PRO A 71 -6.21 -12.48 -11.78
N HIS A 72 -6.07 -12.73 -10.49
CA HIS A 72 -7.21 -12.64 -9.57
C HIS A 72 -7.81 -11.23 -9.59
N MET A 73 -6.94 -10.24 -9.45
CA MET A 73 -7.36 -8.85 -9.39
C MET A 73 -7.89 -8.34 -10.71
N THR A 74 -7.34 -8.81 -11.84
CA THR A 74 -7.79 -8.30 -13.12
C THR A 74 -9.23 -8.71 -13.40
N ALA A 75 -9.52 -9.97 -13.12
CA ALA A 75 -10.84 -10.55 -13.22
C ALA A 75 -11.84 -9.89 -12.27
N PHE A 76 -11.50 -9.89 -10.98
CA PHE A 76 -12.31 -9.23 -9.96
C PHE A 76 -12.74 -7.79 -10.34
N LEU A 77 -11.77 -7.00 -10.79
CA LEU A 77 -12.04 -5.60 -11.01
C LEU A 77 -12.83 -5.40 -12.29
N LYS A 78 -12.59 -6.32 -13.23
CA LYS A 78 -13.26 -6.33 -14.53
C LYS A 78 -14.76 -6.56 -14.33
N ARG A 79 -15.12 -7.44 -13.38
CA ARG A 79 -16.52 -7.70 -13.03
C ARG A 79 -17.26 -6.50 -12.46
N GLN A 80 -16.55 -5.55 -11.88
CA GLN A 80 -17.23 -4.38 -11.33
C GLN A 80 -16.92 -3.13 -12.13
N GLY A 81 -16.42 -3.34 -13.34
CA GLY A 81 -16.19 -2.24 -14.25
C GLY A 81 -15.12 -1.25 -13.86
N VAL A 82 -14.24 -1.61 -12.90
CA VAL A 82 -13.15 -0.71 -12.50
C VAL A 82 -11.94 -0.64 -13.47
N ALA A 83 -11.75 0.51 -14.08
CA ALA A 83 -10.59 0.75 -14.93
C ALA A 83 -9.33 0.97 -14.06
N HIS A 84 -8.23 0.31 -14.38
CA HIS A 84 -7.11 0.33 -13.46
C HIS A 84 -5.87 -0.20 -14.13
N HIS A 85 -4.77 -0.17 -13.40
CA HIS A 85 -3.51 -0.70 -13.89
C HIS A 85 -2.65 -1.00 -12.69
N ILE A 86 -1.94 -2.12 -12.79
CA ILE A 86 -1.12 -2.61 -11.71
C ILE A 86 0.29 -2.08 -11.87
N PHE A 87 0.79 -1.45 -10.81
CA PHE A 87 2.14 -0.93 -10.69
C PHE A 87 2.88 -1.70 -9.59
N VAL A 88 3.84 -2.53 -10.00
CA VAL A 88 4.62 -3.29 -9.03
C VAL A 88 5.80 -2.44 -8.60
N LEU A 89 5.83 -2.16 -7.30
CA LEU A 89 6.84 -1.26 -6.74
C LEU A 89 7.99 -2.10 -6.17
N ASN A 90 8.88 -2.51 -7.06
CA ASN A 90 9.95 -3.43 -6.73
C ASN A 90 11.13 -2.72 -6.08
N GLN A 91 11.33 -2.92 -4.78
CA GLN A 91 12.39 -2.23 -4.06
C GLN A 91 13.75 -2.92 -4.29
N VAL A 92 14.61 -2.31 -5.10
CA VAL A 92 15.86 -2.98 -5.51
C VAL A 92 17.11 -2.52 -4.78
N ASP A 93 17.01 -1.58 -3.85
CA ASP A 93 18.10 -1.30 -2.92
C ASP A 93 18.22 -2.43 -1.88
N ARG A 94 19.18 -2.31 -0.99
CA ARG A 94 19.40 -3.37 -0.01
C ARG A 94 18.96 -2.97 1.40
N PHE A 95 18.20 -1.89 1.52
CA PHE A 95 17.73 -1.49 2.83
C PHE A 95 16.53 -2.33 3.17
N ARG A 96 16.10 -2.26 4.43
CA ARG A 96 14.92 -3.03 4.86
C ARG A 96 13.67 -2.57 4.09
N PHE A 97 12.70 -3.46 3.93
CA PHE A 97 11.49 -3.12 3.19
C PHE A 97 10.78 -1.86 3.68
N ASN A 98 10.56 -0.91 2.77
CA ASN A 98 9.88 0.34 3.12
C ASN A 98 8.62 0.58 2.25
N ARG A 99 7.55 -0.06 2.65
CA ARG A 99 6.31 -0.11 1.90
C ARG A 99 5.75 1.32 1.64
N ALA A 100 5.74 2.11 2.71
CA ALA A 100 5.19 3.46 2.60
C ALA A 100 5.96 4.32 1.57
N SER A 101 7.29 4.35 1.68
CA SER A 101 8.09 5.09 0.72
C SER A 101 7.86 4.57 -0.71
N LEU A 102 7.70 3.25 -0.87
CA LEU A 102 7.50 2.69 -2.21
C LEU A 102 6.17 3.19 -2.78
N ILE A 103 5.16 3.26 -1.92
CA ILE A 103 3.91 3.87 -2.31
C ILE A 103 4.05 5.35 -2.73
N ASN A 104 4.79 6.14 -1.97
CA ASN A 104 5.08 7.51 -2.38
C ASN A 104 5.63 7.57 -3.80
N VAL A 105 6.66 6.77 -4.04
CA VAL A 105 7.27 6.69 -5.36
C VAL A 105 6.26 6.31 -6.43
N GLY A 106 5.48 5.27 -6.21
CA GLY A 106 4.49 4.82 -7.20
C GLY A 106 3.46 5.91 -7.49
N PHE A 107 3.12 6.66 -6.46
CA PHE A 107 2.17 7.75 -6.65
C PHE A 107 2.78 8.84 -7.55
N GLN A 108 4.03 9.22 -7.30
CA GLN A 108 4.68 10.20 -8.17
C GLN A 108 4.74 9.73 -9.63
N PHE A 109 5.20 8.50 -9.82
CA PHE A 109 5.28 7.89 -11.14
C PHE A 109 3.96 7.82 -11.87
N ALA A 110 2.91 7.42 -11.18
CA ALA A 110 1.67 7.25 -11.90
C ALA A 110 1.20 8.62 -12.45
N SER A 111 0.69 8.57 -13.69
CA SER A 111 0.22 9.76 -14.41
C SER A 111 -1.10 10.32 -13.81
N ASP A 112 -1.44 11.58 -14.12
CA ASP A 112 -2.62 12.24 -13.55
C ASP A 112 -3.92 11.62 -14.04
N VAL A 113 -3.84 10.71 -14.99
CA VAL A 113 -5.03 10.04 -15.47
C VAL A 113 -5.65 9.11 -14.40
N TYR A 114 -4.83 8.59 -13.49
CA TYR A 114 -5.34 7.85 -12.33
C TYR A 114 -5.75 8.87 -11.28
N ASP A 115 -7.03 8.96 -11.00
CA ASP A 115 -7.52 9.99 -10.09
C ASP A 115 -7.63 9.42 -8.67
N TYR A 116 -7.46 8.09 -8.59
CA TYR A 116 -7.25 7.46 -7.30
C TYR A 116 -6.26 6.30 -7.33
N ILE A 117 -5.78 5.95 -6.14
CA ILE A 117 -4.89 4.84 -5.99
C ILE A 117 -5.44 3.83 -5.00
N ALA A 118 -4.92 2.62 -5.14
CA ALA A 118 -5.16 1.56 -4.18
C ALA A 118 -3.79 1.15 -3.68
N MET A 119 -3.50 1.37 -2.39
CA MET A 119 -2.32 0.75 -1.81
C MET A 119 -2.65 -0.68 -1.48
N HIS A 120 -2.07 -1.61 -2.22
CA HIS A 120 -2.56 -2.97 -2.18
C HIS A 120 -1.46 -4.02 -1.93
N ASP A 121 -1.54 -4.70 -0.78
CA ASP A 121 -0.64 -5.81 -0.49
C ASP A 121 -0.79 -6.88 -1.54
N VAL A 122 0.31 -7.52 -1.93
CA VAL A 122 0.27 -8.45 -3.05
C VAL A 122 -0.31 -9.83 -2.65
N ASP A 123 -0.48 -10.07 -1.34
CA ASP A 123 -0.89 -11.38 -0.82
C ASP A 123 -2.30 -11.35 -0.24
N LEU A 124 -3.08 -10.34 -0.59
CA LEU A 124 -4.40 -10.17 0.02
C LEU A 124 -5.51 -10.09 -1.06
N LEU A 125 -6.23 -11.20 -1.27
CA LEU A 125 -7.16 -11.26 -2.39
C LEU A 125 -8.60 -11.15 -1.88
N PRO A 126 -9.40 -10.25 -2.48
CA PRO A 126 -10.81 -10.11 -2.09
C PRO A 126 -11.64 -11.30 -2.59
N LEU A 127 -12.48 -11.88 -1.74
CA LEU A 127 -13.29 -13.04 -2.14
C LEU A 127 -14.76 -12.69 -2.33
N ASN A 128 -15.10 -11.45 -2.04
CA ASN A 128 -16.45 -10.96 -2.05
C ASN A 128 -16.60 -9.82 -3.08
N ASP A 129 -17.36 -10.07 -4.15
CA ASP A 129 -17.62 -9.09 -5.22
C ASP A 129 -18.33 -7.80 -4.75
N ASN A 130 -18.83 -7.78 -3.50
CA ASN A 130 -19.47 -6.57 -2.94
C ASN A 130 -18.49 -5.59 -2.32
N LEU A 131 -17.21 -5.97 -2.30
CA LEU A 131 -16.16 -5.04 -1.97
C LEU A 131 -15.91 -4.15 -3.19
N LEU A 132 -16.39 -2.92 -3.12
CA LEU A 132 -16.34 -2.06 -4.27
C LEU A 132 -15.09 -1.20 -4.24
N TYR A 133 -14.22 -1.38 -5.24
CA TYR A 133 -12.98 -0.62 -5.36
C TYR A 133 -13.28 0.68 -6.09
N GLU A 134 -14.24 1.42 -5.55
CA GLU A 134 -14.79 2.57 -6.25
C GLU A 134 -14.06 3.86 -5.90
N TYR A 135 -14.26 4.90 -6.71
CA TYR A 135 -13.69 6.21 -6.41
C TYR A 135 -14.16 6.57 -4.99
N PRO A 136 -13.23 6.93 -4.10
CA PRO A 136 -13.66 7.25 -2.72
C PRO A 136 -14.51 8.53 -2.67
N SER A 137 -15.39 8.62 -1.67
CA SER A 137 -16.26 9.80 -1.50
C SER A 137 -15.46 11.04 -1.01
N SER A 138 -16.12 12.18 -0.89
CA SER A 138 -15.41 13.38 -0.40
C SER A 138 -14.94 13.21 1.05
N LEU A 139 -15.51 12.25 1.77
CA LEU A 139 -15.12 12.05 3.18
C LEU A 139 -13.66 11.68 3.42
N GLY A 140 -13.08 10.91 2.51
CA GLY A 140 -11.70 10.45 2.67
C GLY A 140 -11.45 9.07 2.08
N PRO A 141 -10.40 8.40 2.58
CA PRO A 141 -10.06 7.08 2.04
C PRO A 141 -11.14 6.02 2.27
N LEU A 142 -11.22 5.14 1.29
CA LEU A 142 -12.09 3.98 1.34
C LEU A 142 -11.18 2.81 1.67
N HIS A 143 -11.41 2.25 2.85
CA HIS A 143 -10.66 1.13 3.40
C HIS A 143 -11.32 -0.21 3.05
N ILE A 144 -10.75 -0.92 2.11
CA ILE A 144 -11.39 -2.17 1.67
C ILE A 144 -11.23 -3.29 2.72
N ALA A 145 -10.08 -3.37 3.38
CA ALA A 145 -9.82 -4.50 4.24
C ALA A 145 -10.05 -4.14 5.69
N GLY A 146 -11.31 -3.83 6.01
CA GLY A 146 -11.68 -3.33 7.32
C GLY A 146 -11.45 -4.33 8.44
N PRO A 147 -11.28 -3.82 9.66
CA PRO A 147 -11.11 -4.54 10.92
C PRO A 147 -12.10 -5.71 11.08
N LYS A 148 -13.35 -5.62 10.59
CA LYS A 148 -14.26 -6.78 10.69
C LYS A 148 -14.19 -7.75 9.51
N LEU A 149 -13.40 -7.46 8.50
CA LEU A 149 -13.27 -8.36 7.36
C LEU A 149 -11.87 -8.98 7.23
N HIS A 150 -10.88 -8.32 7.79
CA HIS A 150 -9.49 -8.76 7.67
C HIS A 150 -9.22 -9.99 8.55
N PRO A 151 -8.58 -11.02 7.97
CA PRO A 151 -8.33 -12.31 8.63
C PRO A 151 -7.53 -12.20 9.93
N LYS A 152 -6.80 -11.10 10.11
CA LYS A 152 -5.77 -11.05 11.12
C LYS A 152 -5.79 -9.77 11.96
N TYR A 153 -6.06 -8.63 11.33
CA TYR A 153 -6.00 -7.38 12.09
C TYR A 153 -7.39 -6.80 12.38
N HIS A 154 -7.69 -6.55 13.66
CA HIS A 154 -9.10 -6.31 14.03
C HIS A 154 -9.35 -5.07 14.87
N TYR A 155 -8.32 -4.27 15.12
CA TYR A 155 -8.52 -3.04 15.86
C TYR A 155 -9.25 -1.98 15.05
N ASP A 156 -9.85 -1.02 15.75
CA ASP A 156 -10.76 -0.06 15.12
C ASP A 156 -10.15 0.78 14.00
N ASN A 157 -8.94 1.29 14.22
CA ASN A 157 -8.38 2.21 13.24
C ASN A 157 -7.35 1.56 12.35
N PHE A 158 -7.44 0.24 12.23
CA PHE A 158 -6.60 -0.46 11.27
C PHE A 158 -6.98 0.04 9.88
N VAL A 159 -6.00 0.57 9.15
CA VAL A 159 -6.25 0.93 7.77
C VAL A 159 -5.25 0.23 6.82
N GLY A 160 -4.66 -0.88 7.22
CA GLY A 160 -3.72 -1.54 6.33
C GLY A 160 -4.33 -2.51 5.31
N GLY A 161 -3.48 -3.35 4.73
CA GLY A 161 -3.90 -4.29 3.71
C GLY A 161 -4.24 -3.66 2.36
N ILE A 162 -5.44 -3.09 2.24
CA ILE A 162 -5.92 -2.51 0.98
C ILE A 162 -6.65 -1.18 1.27
N LEU A 163 -6.06 -0.06 0.85
CA LEU A 163 -6.57 1.27 1.18
C LEU A 163 -6.62 2.15 -0.06
N LEU A 164 -7.80 2.68 -0.36
CA LEU A 164 -8.02 3.49 -1.57
C LEU A 164 -8.03 5.00 -1.23
N VAL A 165 -7.33 5.81 -2.01
CA VAL A 165 -7.18 7.22 -1.65
C VAL A 165 -7.27 8.08 -2.88
N ARG A 166 -8.05 9.17 -2.83
CA ARG A 166 -8.15 10.01 -4.00
C ARG A 166 -6.81 10.65 -4.24
N ARG A 167 -6.48 10.88 -5.51
CA ARG A 167 -5.27 11.63 -5.81
C ARG A 167 -5.17 12.90 -4.94
N GLU A 168 -6.23 13.72 -4.96
CA GLU A 168 -6.18 15.01 -4.29
CA GLU A 168 -6.24 15.01 -4.27
C GLU A 168 -5.94 14.89 -2.78
N HIS A 169 -6.56 13.89 -2.14
CA HIS A 169 -6.37 13.67 -0.71
C HIS A 169 -4.95 13.19 -0.36
N PHE A 170 -4.40 12.32 -1.21
CA PHE A 170 -3.05 11.81 -0.98
C PHE A 170 -2.07 12.99 -1.07
N LYS A 171 -2.29 13.91 -2.01
CA LYS A 171 -1.47 15.14 -2.10
C LYS A 171 -1.66 15.98 -0.85
N GLN A 172 -2.92 16.18 -0.43
CA GLN A 172 -3.21 16.95 0.79
C GLN A 172 -2.43 16.48 1.98
N MET A 173 -2.36 15.15 2.16
CA MET A 173 -1.76 14.59 3.35
C MET A 173 -0.24 14.43 3.21
N ASN A 174 0.31 14.94 2.12
CA ASN A 174 1.73 14.74 1.82
C ASN A 174 2.05 13.24 1.83
N GLY A 175 1.10 12.45 1.30
CA GLY A 175 1.28 11.00 1.18
C GLY A 175 1.68 10.33 2.51
N MET A 176 2.59 9.35 2.44
CA MET A 176 2.93 8.55 3.62
C MET A 176 4.26 8.99 4.17
N SER A 177 4.48 8.68 5.47
CA SER A 177 5.78 8.87 6.12
C SER A 177 6.90 8.03 5.44
N ASN A 178 8.14 8.49 5.47
CA ASN A 178 9.28 7.73 4.91
C ASN A 178 10.10 7.00 5.96
N GLN A 179 9.74 7.15 7.23
CA GLN A 179 10.62 6.70 8.29
C GLN A 179 10.39 5.24 8.64
N TYR A 180 9.46 4.57 7.96
CA TYR A 180 9.14 3.19 8.31
C TYR A 180 9.93 2.16 7.50
N TRP A 181 11.03 1.71 8.08
CA TRP A 181 11.87 0.71 7.45
C TRP A 181 11.59 -0.60 8.19
N GLY A 182 11.19 -1.63 7.44
CA GLY A 182 10.72 -2.85 8.08
C GLY A 182 9.24 -2.84 8.45
N TRP A 183 8.77 -3.96 8.98
CA TRP A 183 7.38 -4.18 9.23
C TRP A 183 6.85 -3.22 10.30
N GLY A 184 5.61 -2.78 10.09
CA GLY A 184 4.78 -2.22 11.14
C GLY A 184 4.72 -0.72 11.17
N LEU A 185 3.57 -0.24 11.64
CA LEU A 185 3.34 1.17 12.03
C LEU A 185 3.12 2.19 10.92
N GLU A 186 3.55 1.91 9.67
CA GLU A 186 3.43 2.93 8.61
C GLU A 186 1.97 3.28 8.28
N ASP A 187 1.10 2.29 8.37
CA ASP A 187 -0.33 2.47 8.11
C ASP A 187 -1.04 3.21 9.26
N ASP A 188 -0.63 2.95 10.48
CA ASP A 188 -1.19 3.66 11.63
C ASP A 188 -0.82 5.16 11.63
N GLU A 189 0.42 5.49 11.28
CA GLU A 189 0.83 6.88 11.22
C GLU A 189 0.00 7.56 10.12
N PHE A 190 -0.24 6.85 9.02
CA PHE A 190 -1.10 7.37 7.96
C PHE A 190 -2.56 7.63 8.45
N PHE A 191 -3.12 6.74 9.26
CA PHE A 191 -4.40 7.00 9.91
C PHE A 191 -4.43 8.37 10.54
N VAL A 192 -3.36 8.71 11.24
CA VAL A 192 -3.29 10.01 11.91
C VAL A 192 -3.23 11.13 10.87
N ARG A 193 -2.45 10.93 9.81
CA ARG A 193 -2.41 11.89 8.72
C ARG A 193 -3.82 12.10 8.15
N ILE A 194 -4.62 11.03 8.17
CA ILE A 194 -6.00 11.14 7.69
C ILE A 194 -6.86 12.05 8.60
N ARG A 195 -6.78 11.85 9.92
CA ARG A 195 -7.54 12.67 10.86
C ARG A 195 -7.03 14.12 10.91
N ASP A 196 -5.71 14.29 10.85
CA ASP A 196 -5.10 15.62 10.84
C ASP A 196 -5.46 16.42 9.59
N ALA A 197 -5.83 15.74 8.52
CA ALA A 197 -6.24 16.45 7.33
C ALA A 197 -7.76 16.68 7.32
N GLY A 198 -8.42 16.42 8.44
CA GLY A 198 -9.85 16.67 8.50
C GLY A 198 -10.62 15.65 7.69
N LEU A 199 -9.93 14.57 7.30
CA LEU A 199 -10.60 13.49 6.59
C LEU A 199 -11.03 12.35 7.52
N GLN A 200 -11.73 11.37 6.94
CA GLN A 200 -12.10 10.18 7.70
C GLN A 200 -12.12 8.93 6.81
N VAL A 201 -12.24 7.77 7.43
CA VAL A 201 -12.19 6.52 6.73
C VAL A 201 -13.61 6.00 6.60
N THR A 202 -13.94 5.57 5.38
CA THR A 202 -15.21 4.89 5.14
C THR A 202 -14.86 3.45 4.76
N ARG A 203 -15.81 2.54 4.94
CA ARG A 203 -15.59 1.12 4.68
C ARG A 203 -16.90 0.62 4.09
N PRO A 204 -16.86 -0.47 3.31
CA PRO A 204 -18.09 -1.02 2.70
C PRO A 204 -19.12 -1.34 3.76
N GLN A 205 -20.39 -1.15 3.45
CA GLN A 205 -21.43 -1.45 4.43
C GLN A 205 -22.21 -2.67 3.98
N ASN A 206 -22.75 -3.39 4.96
CA ASN A 206 -23.59 -4.52 4.65
C ASN A 206 -22.84 -5.65 3.93
N ILE A 207 -21.57 -5.82 4.26
CA ILE A 207 -20.85 -7.00 3.82
C ILE A 207 -21.31 -8.13 4.74
N LYS A 208 -21.77 -9.23 4.17
CA LYS A 208 -22.29 -10.33 5.01
C LYS A 208 -21.16 -11.25 5.53
N THR A 209 -20.16 -11.52 4.68
CA THR A 209 -18.96 -12.28 5.04
C THR A 209 -18.19 -11.48 6.10
N GLY A 210 -17.30 -12.16 6.82
CA GLY A 210 -16.52 -11.53 7.87
C GLY A 210 -15.07 -12.01 7.85
N THR A 211 -14.46 -12.15 9.03
CA THR A 211 -13.01 -12.26 9.08
C THR A 211 -12.47 -13.56 8.53
N ASN A 212 -13.34 -14.54 8.32
CA ASN A 212 -12.88 -15.84 7.88
C ASN A 212 -13.09 -16.10 6.41
N ASP A 213 -13.88 -15.27 5.76
CA ASP A 213 -14.25 -15.59 4.39
C ASP A 213 -14.36 -14.37 3.48
N THR A 214 -13.83 -13.24 3.91
CA THR A 214 -13.86 -12.05 3.04
C THR A 214 -12.59 -11.96 2.20
N PHE A 215 -11.47 -12.33 2.82
CA PHE A 215 -10.18 -12.35 2.13
C PHE A 215 -9.42 -13.66 2.24
N SER A 216 -8.74 -13.98 1.15
CA SER A 216 -7.63 -14.89 1.09
C SER A 216 -6.36 -14.09 1.47
N HIS A 217 -5.70 -14.49 2.56
CA HIS A 217 -4.43 -13.88 2.96
C HIS A 217 -3.42 -15.01 2.98
N ILE A 218 -2.92 -15.37 1.81
CA ILE A 218 -1.97 -16.46 1.72
C ILE A 218 -0.59 -15.90 2.03
N HIS A 219 -0.25 -15.99 3.31
CA HIS A 219 0.98 -15.43 3.86
C HIS A 219 1.36 -16.26 5.06
N ASN A 220 2.17 -17.29 4.82
CA ASN A 220 2.66 -18.11 5.92
C ASN A 220 3.77 -17.38 6.70
N ARG A 221 3.56 -17.14 8.00
CA ARG A 221 4.48 -16.30 8.81
C ARG A 221 5.93 -16.80 8.83
N TYR A 222 6.15 -18.05 8.46
CA TYR A 222 7.49 -18.62 8.44
C TYR A 222 8.15 -18.58 7.08
N HIS A 223 7.35 -18.78 6.04
CA HIS A 223 7.81 -18.68 4.67
C HIS A 223 8.19 -17.18 4.40
N ARG A 224 7.25 -16.27 4.67
CA ARG A 224 7.47 -14.84 4.48
C ARG A 224 7.57 -14.15 5.85
N LYS A 225 8.80 -13.98 6.36
CA LYS A 225 8.96 -13.44 7.71
C LYS A 225 8.67 -11.98 7.71
N ARG A 226 7.94 -11.53 8.72
CA ARG A 226 7.80 -10.11 8.95
C ARG A 226 9.08 -9.63 9.57
N ASP A 227 9.61 -8.51 9.09
CA ASP A 227 10.85 -7.95 9.58
C ASP A 227 10.57 -7.03 10.73
N THR A 228 10.52 -7.60 11.93
CA THR A 228 10.16 -6.89 13.16
C THR A 228 11.33 -6.36 13.98
N GLN A 229 12.54 -6.56 13.46
CA GLN A 229 13.73 -6.13 14.17
C GLN A 229 13.69 -4.65 14.54
N LYS A 230 14.33 -4.31 15.65
CA LYS A 230 14.48 -2.92 16.02
C LYS A 230 15.95 -2.68 16.30
N CYS A 231 16.45 -1.52 15.89
CA CYS A 231 17.83 -1.16 16.18
C CYS A 231 17.91 0.35 16.18
N PHE A 232 19.01 0.90 16.69
CA PHE A 232 19.12 2.35 16.90
C PHE A 232 17.89 2.78 17.67
N ASN A 233 17.41 4.00 17.50
CA ASN A 233 16.27 4.26 18.37
C ASN A 233 14.94 4.12 17.63
N GLN A 234 14.76 2.97 16.99
CA GLN A 234 13.62 2.76 16.12
C GLN A 234 12.25 2.78 16.84
N LYS A 235 12.11 2.01 17.92
CA LYS A 235 10.89 1.95 18.71
C LYS A 235 10.45 3.35 19.02
N GLU A 236 11.31 4.07 19.73
CA GLU A 236 10.95 5.42 20.14
C GLU A 236 10.52 6.30 18.97
N MET A 237 11.29 6.25 17.87
CA MET A 237 11.12 7.26 16.83
C MET A 237 9.95 6.98 15.91
N THR A 238 9.77 5.72 15.55
CA THR A 238 8.70 5.35 14.63
C THR A 238 7.34 5.35 15.29
N ARG A 239 7.29 5.43 16.62
CA ARG A 239 6.01 5.46 17.33
C ARG A 239 5.48 6.87 17.39
N LYS A 240 6.27 7.83 16.94
CA LYS A 240 5.82 9.21 17.01
C LYS A 240 5.41 9.75 15.62
N ARG A 241 4.36 10.57 15.62
CA ARG A 241 3.87 11.21 14.40
C ARG A 241 4.98 11.94 13.61
N ASP A 242 5.08 11.67 12.33
CA ASP A 242 6.13 12.23 11.49
C ASP A 242 5.60 13.39 10.66
N HIS A 243 5.78 14.62 11.13
CA HIS A 243 5.41 15.80 10.35
C HIS A 243 6.45 16.24 9.33
N LYS A 244 7.63 15.58 9.33
CA LYS A 244 8.78 16.07 8.54
C LYS A 244 8.99 15.43 7.17
N THR A 245 8.49 14.21 6.95
CA THR A 245 8.75 13.57 5.65
C THR A 245 7.45 13.19 5.00
N GLY A 246 7.55 12.94 3.71
CA GLY A 246 6.41 12.46 2.98
C GLY A 246 6.68 12.36 1.49
N LEU A 247 5.57 12.45 0.77
CA LEU A 247 5.61 12.47 -0.68
C LEU A 247 6.63 13.49 -1.20
N ASP A 248 6.68 14.65 -0.56
CA ASP A 248 7.39 15.81 -1.10
C ASP A 248 8.91 15.78 -0.88
N ASN A 249 9.42 14.72 -0.28
CA ASN A 249 10.86 14.59 -0.05
C ASN A 249 11.37 13.13 0.06
N VAL A 250 10.55 12.19 -0.39
CA VAL A 250 11.05 10.83 -0.52
C VAL A 250 12.21 10.84 -1.52
N LYS A 251 13.35 10.29 -1.10
CA LYS A 251 14.57 10.33 -1.92
C LYS A 251 14.76 8.96 -2.56
N TYR A 252 14.93 8.93 -3.89
CA TYR A 252 14.99 7.68 -4.62
C TYR A 252 15.38 7.87 -6.10
N LYS A 253 15.56 6.76 -6.80
CA LYS A 253 15.71 6.76 -8.25
C LYS A 253 14.98 5.55 -8.78
N ILE A 254 14.32 5.72 -9.91
CA ILE A 254 13.76 4.58 -10.61
C ILE A 254 14.78 4.14 -11.64
N LEU A 255 15.56 3.11 -11.29
CA LEU A 255 16.61 2.60 -12.17
C LEU A 255 16.10 2.09 -13.50
N LYS A 256 14.91 1.52 -13.53
CA LYS A 256 14.45 0.78 -14.69
C LYS A 256 12.95 0.62 -14.59
N VAL A 257 12.28 0.77 -15.74
CA VAL A 257 10.85 0.57 -15.83
C VAL A 257 10.59 -0.56 -16.80
N HIS A 258 9.86 -1.58 -16.36
CA HIS A 258 9.61 -2.79 -17.15
C HIS A 258 8.14 -2.95 -17.50
N GLU A 259 7.82 -3.14 -18.79
CA GLU A 259 6.46 -3.48 -19.18
C GLU A 259 6.29 -4.99 -19.25
N MET A 260 5.58 -5.58 -18.31
CA MET A 260 5.42 -7.02 -18.33
C MET A 260 3.97 -7.44 -18.72
N LEU A 261 3.81 -8.59 -19.37
CA LEU A 261 2.49 -9.19 -19.61
C LEU A 261 2.41 -10.53 -18.89
N ILE A 262 1.37 -10.74 -18.09
CA ILE A 262 1.20 -12.00 -17.41
C ILE A 262 -0.09 -12.61 -17.88
N ASP A 263 0.00 -13.55 -18.80
CA ASP A 263 -1.18 -14.10 -19.44
C ASP A 263 -2.03 -12.98 -20.03
N GLN A 264 -1.37 -12.17 -20.89
CA GLN A 264 -1.97 -11.05 -21.62
C GLN A 264 -2.19 -9.80 -20.79
N VAL A 265 -2.23 -9.90 -19.47
CA VAL A 265 -2.52 -8.75 -18.64
C VAL A 265 -1.29 -7.87 -18.46
N PRO A 266 -1.37 -6.61 -18.91
CA PRO A 266 -0.24 -5.69 -18.84
C PRO A 266 0.00 -5.26 -17.41
N VAL A 267 1.25 -5.11 -17.04
CA VAL A 267 1.64 -4.74 -15.69
C VAL A 267 2.95 -3.94 -15.77
N THR A 268 3.09 -2.92 -14.93
CA THR A 268 4.29 -2.09 -14.96
C THR A 268 5.18 -2.39 -13.75
N ILE A 269 6.46 -2.68 -13.98
CA ILE A 269 7.37 -2.88 -12.88
C ILE A 269 8.28 -1.65 -12.70
N LEU A 270 8.25 -1.07 -11.49
CA LEU A 270 9.22 -0.06 -11.12
C LEU A 270 10.34 -0.65 -10.25
N ASN A 271 11.55 -0.66 -10.78
CA ASN A 271 12.71 -0.94 -9.94
C ASN A 271 13.14 0.33 -9.23
N ILE A 272 12.91 0.37 -7.92
CA ILE A 272 13.03 1.58 -7.12
C ILE A 272 14.20 1.38 -6.17
N LEU A 273 15.20 2.22 -6.35
CA LEU A 273 16.34 2.30 -5.45
C LEU A 273 16.05 3.40 -4.43
N LEU A 274 15.62 2.99 -3.24
CA LEU A 274 15.32 3.95 -2.20
C LEU A 274 16.59 4.33 -1.50
N ASP A 275 16.62 5.55 -1.01
CA ASP A 275 17.82 6.06 -0.37
C ASP A 275 17.61 6.20 1.11
N CYS A 276 18.66 6.02 1.88
CA CYS A 276 18.56 6.11 3.31
C CYS A 276 19.57 7.10 3.87
N ASP A 277 19.09 8.01 4.71
CA ASP A 277 19.95 8.99 5.39
C ASP A 277 20.11 8.47 6.80
N VAL A 278 21.29 7.91 7.08
CA VAL A 278 21.52 7.17 8.32
C VAL A 278 21.72 8.13 9.49
N ASN A 279 21.89 9.41 9.18
CA ASN A 279 21.86 10.44 10.22
C ASN A 279 20.45 10.67 10.75
N LYS A 280 19.42 10.26 9.98
CA LYS A 280 18.00 10.39 10.39
C LYS A 280 17.33 9.04 10.69
N THR A 281 17.47 8.07 9.78
CA THR A 281 16.84 6.75 9.91
C THR A 281 17.83 5.53 9.82
N PRO A 282 18.79 5.47 10.75
CA PRO A 282 19.78 4.40 10.68
C PRO A 282 19.13 3.00 10.72
N TRP A 283 17.93 2.87 11.29
CA TRP A 283 17.24 1.57 11.32
C TRP A 283 16.79 1.06 9.95
N CYS A 284 17.03 1.84 8.88
CA CYS A 284 16.92 1.29 7.54
C CYS A 284 17.80 0.03 7.37
N ASP A 285 18.80 -0.16 8.24
CA ASP A 285 19.70 -1.32 8.13
C ASP A 285 20.27 -1.69 9.48
N CYS A 286 19.94 -2.88 9.95
CA CYS A 286 20.30 -3.30 11.32
C CYS A 286 21.44 -4.33 11.32
N SER A 287 21.95 -4.68 10.13
CA SER A 287 23.12 -5.58 10.04
C SER A 287 24.38 -4.93 10.67
O1 XYP B . -3.16 -2.19 19.56
C1 XYP B . -2.01 -2.32 18.72
C2 XYP B . -1.69 -3.82 18.48
C3 XYP B . -1.07 -4.21 17.17
C4 XYP B . -1.15 -3.21 16.07
C5 XYP B . -1.20 -1.73 16.47
O2 XYP B . -0.81 -4.37 19.52
O3 XYP B . -1.63 -5.47 16.70
O4 XYP B . 0.00 -3.42 15.17
O5 XYP B . -2.22 -1.46 17.52
C1 XYP B . -0.37 -3.12 13.86
C2 XYP B . 0.77 -2.50 12.98
C3 XYP B . 0.26 -2.23 11.62
C4 XYP B . -0.24 -3.51 11.03
C5 XYP B . -1.37 -4.13 11.90
O2 XYP B . 1.35 -1.29 13.52
O3 XYP B . 1.32 -1.64 10.84
O4 XYP B . -0.68 -3.43 9.65
O5 XYP B . -0.91 -4.37 13.29
MN MN C . 0.63 -10.25 4.46
N1 UDP D . 6.10 -6.90 0.96
C2 UDP D . 7.00 -7.42 0.04
N3 UDP D . 8.22 -7.92 0.45
C4 UDP D . 8.52 -7.93 1.80
C5 UDP D . 7.61 -7.41 2.74
C6 UDP D . 6.34 -7.05 2.30
O2 UDP D . 6.73 -7.42 -1.18
O4 UDP D . 9.62 -8.37 2.15
C1' UDP D . 4.81 -6.32 0.50
C2' UDP D . 3.78 -7.36 0.05
O2' UDP D . 2.95 -6.75 -0.95
C3' UDP D . 3.06 -7.57 1.37
C4' UDP D . 2.93 -6.11 1.84
O4' UDP D . 4.24 -5.62 1.58
O3' UDP D . 1.86 -8.32 1.28
C5' UDP D . 2.61 -5.91 3.29
O5' UDP D . 3.54 -6.76 3.93
PA UDP D . 3.06 -7.94 4.95
O1A UDP D . 2.46 -9.08 4.19
O2A UDP D . 4.21 -8.41 5.75
O3A UDP D . 1.93 -7.20 5.85
PB UDP D . 0.82 -7.95 6.76
O1B UDP D . 0.56 -9.34 6.32
O2B UDP D . 1.34 -7.99 8.17
O3B UDP D . -0.44 -7.13 6.67
N SEL E . 0.57 -4.35 8.14
CA SEL E . 1.22 -3.34 7.34
CB SEL E . 0.54 -3.15 5.97
OG SEL E . -0.44 -4.15 5.60
C SEL E . 2.73 -3.57 7.29
OXT SEL E . 3.35 -2.99 8.45
#